data_7ENV
#
_entry.id   7ENV
#
_cell.length_a   115.223
_cell.length_b   55.893
_cell.length_c   67.603
_cell.angle_alpha   90.00
_cell.angle_beta   94.05
_cell.angle_gamma   90.00
#
_symmetry.space_group_name_H-M   'C 1 2 1'
#
loop_
_entity.id
_entity.type
_entity.pdbx_description
1 polymer 'Bromodomain-containing protein 2'
2 non-polymer 7-chloranyl-2-[(3-chlorophenyl)amino]pyrano[3,4-e][1,3]oxazine-4,5-dione
3 non-polymer 'SULFATE ION'
4 water water
#
_entity_poly.entity_id   1
_entity_poly.type   'polypeptide(L)'
_entity_poly.pdbx_seq_one_letter_code
;GRVTNQLQYLHKVVMKALWKHQFAWPFRQPVDAVKLGLPDYHKIIKQPMDMGTIKRRLENNYYWAASECMQDFNTMFTNC
YIYNKPTDDIVLMAQTLEKIFLQKVASMPQEEQELVVTIPKN
;
_entity_poly.pdbx_strand_id   A,B,C
#
loop_
_chem_comp.id
_chem_comp.type
_chem_comp.name
_chem_comp.formula
BUX non-polymer 7-chloranyl-2-[(3-chlorophenyl)amino]pyrano[3,4-e][1,3]oxazine-4,5-dione 'C13 H6 Cl2 N2 O4'
SO4 non-polymer 'SULFATE ION' 'O4 S -2'
#
# COMPACT_ATOMS: atom_id res chain seq x y z
N VAL A 3 6.91 15.66 -6.74
CA VAL A 3 6.60 14.50 -5.91
C VAL A 3 6.86 13.21 -6.68
N THR A 4 7.61 12.28 -6.09
CA THR A 4 7.95 11.04 -6.78
C THR A 4 6.70 10.22 -7.09
N ASN A 5 6.87 9.26 -7.99
N ASN A 5 6.86 9.24 -7.98
CA ASN A 5 5.79 8.34 -8.33
CA ASN A 5 5.73 8.38 -8.32
C ASN A 5 5.29 7.60 -7.10
C ASN A 5 5.28 7.59 -7.10
N GLN A 6 6.21 7.25 -6.21
CA GLN A 6 5.88 6.40 -5.07
C GLN A 6 5.18 7.18 -3.97
N LEU A 7 5.72 8.34 -3.60
CA LEU A 7 5.03 9.18 -2.62
C LEU A 7 3.66 9.59 -3.13
N GLN A 8 3.53 9.82 -4.43
CA GLN A 8 2.22 10.04 -5.04
C GLN A 8 1.32 8.85 -4.81
N TYR A 9 1.87 7.64 -4.98
CA TYR A 9 1.11 6.42 -4.75
C TYR A 9 0.74 6.28 -3.28
N LEU A 10 1.71 6.48 -2.38
CA LEU A 10 1.39 6.41 -0.96
C LEU A 10 0.31 7.42 -0.59
N HIS A 11 0.33 8.61 -1.20
CA HIS A 11 -0.67 9.63 -0.90
C HIS A 11 -2.02 9.28 -1.51
N LYS A 12 -2.07 8.98 -2.81
CA LYS A 12 -3.35 8.85 -3.48
C LYS A 12 -3.98 7.47 -3.32
N VAL A 13 -3.21 6.42 -3.10
CA VAL A 13 -3.75 5.06 -3.00
C VAL A 13 -3.74 4.55 -1.57
N VAL A 14 -2.61 4.68 -0.87
CA VAL A 14 -2.46 4.12 0.47
C VAL A 14 -3.15 5.00 1.51
N MET A 15 -2.70 6.24 1.65
CA MET A 15 -3.35 7.17 2.57
C MET A 15 -4.84 7.30 2.30
N LYS A 16 -5.22 7.36 1.04
CA LYS A 16 -6.64 7.48 0.71
C LYS A 16 -7.43 6.29 1.23
N ALA A 17 -6.87 5.09 1.08
CA ALA A 17 -7.59 3.90 1.51
C ALA A 17 -7.66 3.80 3.04
N LEU A 18 -6.56 4.08 3.75
CA LEU A 18 -6.54 3.90 5.20
C LEU A 18 -7.23 5.04 5.94
N TRP A 19 -7.18 6.26 5.42
CA TRP A 19 -7.71 7.39 6.20
C TRP A 19 -9.22 7.30 6.38
N LYS A 20 -9.95 6.78 5.39
CA LYS A 20 -11.40 6.70 5.43
C LYS A 20 -11.89 5.33 5.87
N HIS A 21 -10.99 4.43 6.22
CA HIS A 21 -11.41 3.13 6.71
C HIS A 21 -12.20 3.29 8.00
N GLN A 22 -13.11 2.33 8.24
CA GLN A 22 -13.96 2.33 9.44
C GLN A 22 -13.17 2.03 10.71
N PHE A 23 -11.96 1.50 10.60
CA PHE A 23 -11.10 1.22 11.74
C PHE A 23 -10.06 2.29 11.95
N ALA A 24 -10.12 3.40 11.21
CA ALA A 24 -9.02 4.34 11.19
C ALA A 24 -9.10 5.39 12.27
N TRP A 25 -10.31 5.65 12.79
CA TRP A 25 -10.50 6.76 13.71
C TRP A 25 -9.51 6.76 14.89
N PRO A 26 -9.08 5.62 15.44
CA PRO A 26 -8.15 5.68 16.58
C PRO A 26 -6.74 6.07 16.19
N PHE A 27 -6.46 6.22 14.90
CA PHE A 27 -5.11 6.49 14.43
C PHE A 27 -5.04 7.80 13.67
N ARG A 28 -6.12 8.57 13.63
CA ARG A 28 -6.14 9.79 12.82
C ARG A 28 -5.45 10.97 13.50
N GLN A 29 -5.06 10.84 14.76
CA GLN A 29 -4.44 11.87 15.58
C GLN A 29 -3.56 11.20 16.61
N PRO A 30 -2.56 11.90 17.15
CA PRO A 30 -1.66 11.27 18.12
C PRO A 30 -2.44 10.71 19.30
N VAL A 31 -1.97 9.60 19.84
CA VAL A 31 -2.52 9.06 21.06
C VAL A 31 -2.53 10.14 22.13
N ASP A 32 -3.71 10.41 22.69
CA ASP A 32 -3.90 11.39 23.76
C ASP A 32 -3.90 10.61 25.07
N ALA A 33 -2.76 10.57 25.75
CA ALA A 33 -2.64 9.72 26.93
C ALA A 33 -3.47 10.24 28.08
N VAL A 34 -3.72 11.56 28.13
CA VAL A 34 -4.59 12.11 29.17
C VAL A 34 -6.05 11.76 28.89
N LYS A 35 -6.55 12.12 27.70
CA LYS A 35 -7.92 11.79 27.34
C LYS A 35 -8.17 10.29 27.38
N LEU A 36 -7.19 9.48 26.96
CA LEU A 36 -7.38 8.04 26.95
C LEU A 36 -7.04 7.40 28.29
N GLY A 37 -6.50 8.17 29.23
CA GLY A 37 -6.21 7.65 30.56
C GLY A 37 -5.13 6.59 30.57
N LEU A 38 -3.95 6.91 30.03
CA LEU A 38 -2.84 5.96 29.94
C LEU A 38 -1.55 6.67 30.27
N PRO A 39 -1.26 6.89 31.56
CA PRO A 39 -0.05 7.63 31.94
C PRO A 39 1.24 6.86 31.75
N ASP A 40 1.20 5.60 31.33
CA ASP A 40 2.42 4.88 30.97
C ASP A 40 2.69 4.87 29.47
N TYR A 41 1.83 5.48 28.64
CA TYR A 41 2.00 5.33 27.20
C TYR A 41 3.32 5.91 26.74
N HIS A 42 3.57 7.17 27.06
CA HIS A 42 4.79 7.82 26.61
C HIS A 42 6.03 7.32 27.31
N LYS A 43 5.89 6.49 28.33
CA LYS A 43 7.03 5.80 28.88
C LYS A 43 7.36 4.54 28.08
N ILE A 44 6.36 3.94 27.43
CA ILE A 44 6.58 2.72 26.68
C ILE A 44 6.88 3.00 25.22
N ILE A 45 6.14 3.92 24.62
CA ILE A 45 6.24 4.27 23.21
C ILE A 45 6.98 5.60 23.12
N LYS A 46 8.21 5.58 22.60
CA LYS A 46 9.04 6.76 22.58
C LYS A 46 8.99 7.53 21.27
N GLN A 47 8.51 6.91 20.20
CA GLN A 47 8.33 7.57 18.91
C GLN A 47 6.87 7.45 18.51
N PRO A 48 5.99 8.28 19.06
CA PRO A 48 4.57 8.21 18.69
C PRO A 48 4.40 8.54 17.20
N MET A 49 3.36 7.95 16.59
CA MET A 49 3.10 8.21 15.18
C MET A 49 1.62 7.96 14.89
N ASP A 50 1.11 8.64 13.87
CA ASP A 50 -0.32 8.59 13.60
C ASP A 50 -0.55 8.99 12.15
N MET A 51 -1.77 8.72 11.67
CA MET A 51 -2.12 8.96 10.28
C MET A 51 -2.22 10.45 9.97
N GLY A 52 -2.60 11.27 10.94
CA GLY A 52 -2.62 12.71 10.70
C GLY A 52 -1.25 13.26 10.38
N THR A 53 -0.25 12.86 11.16
CA THR A 53 1.12 13.29 10.90
C THR A 53 1.60 12.80 9.54
N ILE A 54 1.37 11.53 9.21
CA ILE A 54 1.77 11.01 7.91
C ILE A 54 1.03 11.75 6.79
N LYS A 55 -0.28 11.96 6.97
CA LYS A 55 -1.07 12.66 5.96
C LYS A 55 -0.56 14.07 5.75
N ARG A 56 -0.31 14.78 6.85
CA ARG A 56 0.24 16.13 6.75
C ARG A 56 1.57 16.13 6.01
N ARG A 57 2.50 15.30 6.48
CA ARG A 57 3.80 15.15 5.84
C ARG A 57 3.69 14.82 4.36
N LEU A 58 2.71 13.99 3.97
CA LEU A 58 2.52 13.72 2.55
C LEU A 58 1.99 14.95 1.82
N GLU A 59 1.15 15.74 2.48
CA GLU A 59 0.66 16.97 1.85
C GLU A 59 1.76 18.01 1.68
N ASN A 60 2.74 18.07 2.60
CA ASN A 60 3.75 19.12 2.62
C ASN A 60 5.09 18.69 2.04
N ASN A 61 5.13 17.56 1.31
CA ASN A 61 6.38 17.05 0.73
C ASN A 61 7.52 16.99 1.76
N TYR A 62 7.17 16.52 2.96
CA TYR A 62 8.16 16.34 4.01
C TYR A 62 9.10 15.18 3.68
N TYR A 63 8.59 14.15 3.02
CA TYR A 63 9.37 12.94 2.78
C TYR A 63 10.33 13.07 1.59
N TRP A 64 11.51 12.48 1.74
CA TRP A 64 12.48 12.42 0.67
C TRP A 64 12.47 11.10 -0.09
N ALA A 65 11.93 10.04 0.52
CA ALA A 65 11.89 8.74 -0.14
C ALA A 65 10.66 7.99 0.34
N ALA A 66 10.20 7.06 -0.51
CA ALA A 66 9.00 6.30 -0.18
C ALA A 66 9.20 5.48 1.09
N SER A 67 10.36 4.84 1.22
N SER A 67 10.36 4.85 1.23
CA SER A 67 10.66 4.08 2.43
CA SER A 67 10.64 4.08 2.44
C SER A 67 10.55 4.94 3.70
C SER A 67 10.58 4.94 3.70
N GLU A 68 10.69 6.25 3.56
CA GLU A 68 10.57 7.12 4.73
C GLU A 68 9.13 7.19 5.23
N CYS A 69 8.19 7.45 4.32
CA CYS A 69 6.77 7.38 4.66
C CYS A 69 6.38 5.96 5.11
N MET A 70 6.98 4.92 4.50
CA MET A 70 6.64 3.56 4.89
C MET A 70 7.09 3.24 6.31
N GLN A 71 8.17 3.84 6.78
CA GLN A 71 8.60 3.57 8.15
C GLN A 71 7.60 4.16 9.13
N ASP A 72 7.09 5.37 8.82
CA ASP A 72 6.14 6.03 9.70
C ASP A 72 4.91 5.16 9.89
N PHE A 73 4.37 4.62 8.79
CA PHE A 73 3.25 3.70 8.91
C PHE A 73 3.62 2.56 9.82
N ASN A 74 4.80 1.96 9.59
CA ASN A 74 5.21 0.83 10.42
C ASN A 74 5.29 1.21 11.90
N THR A 75 5.86 2.36 12.21
CA THR A 75 5.95 2.79 13.59
C THR A 75 4.58 2.92 14.22
N MET A 76 3.63 3.52 13.49
CA MET A 76 2.29 3.68 14.01
C MET A 76 1.69 2.33 14.39
N PHE A 77 1.78 1.36 13.48
CA PHE A 77 1.23 0.02 13.74
C PHE A 77 1.99 -0.68 14.86
N THR A 78 3.32 -0.65 14.78
CA THR A 78 4.16 -1.34 15.76
C THR A 78 4.01 -0.77 17.18
N ASN A 79 3.84 0.55 17.31
CA ASN A 79 3.53 1.11 18.63
C ASN A 79 2.29 0.46 19.21
N CYS A 80 1.27 0.28 18.38
CA CYS A 80 0.02 -0.30 18.85
C CYS A 80 0.22 -1.73 19.33
N TYR A 81 0.91 -2.55 18.54
CA TYR A 81 1.13 -3.94 18.95
C TYR A 81 2.08 -4.04 20.13
N ILE A 82 2.98 -3.08 20.30
CA ILE A 82 3.92 -3.12 21.43
C ILE A 82 3.24 -2.65 22.71
N TYR A 83 2.41 -1.62 22.63
CA TYR A 83 1.83 -1.05 23.84
C TYR A 83 0.59 -1.79 24.30
N ASN A 84 -0.25 -2.28 23.40
CA ASN A 84 -1.55 -2.79 23.82
C ASN A 84 -1.48 -4.28 24.15
N LYS A 85 -2.40 -4.72 25.00
CA LYS A 85 -2.57 -6.13 25.33
C LYS A 85 -2.87 -6.91 24.06
N PRO A 86 -2.47 -8.18 23.99
CA PRO A 86 -2.75 -8.99 22.79
C PRO A 86 -4.23 -9.07 22.43
N THR A 87 -5.09 -8.85 23.42
CA THR A 87 -6.54 -9.06 23.32
C THR A 87 -7.31 -7.76 23.12
N ASP A 88 -6.64 -6.61 23.09
CA ASP A 88 -7.32 -5.36 22.84
C ASP A 88 -7.84 -5.31 21.41
N ASP A 89 -9.03 -4.74 21.23
CA ASP A 89 -9.61 -4.69 19.89
C ASP A 89 -8.76 -3.83 18.96
N ILE A 90 -8.08 -2.83 19.52
CA ILE A 90 -7.27 -1.91 18.73
C ILE A 90 -6.20 -2.66 17.96
N VAL A 91 -5.66 -3.75 18.47
CA VAL A 91 -4.58 -4.52 17.81
C VAL A 91 -5.14 -5.12 16.54
N LEU A 92 -6.36 -5.56 16.63
CA LEU A 92 -7.07 -6.20 15.53
C LEU A 92 -7.44 -5.16 14.48
N MET A 93 -7.80 -3.95 14.89
CA MET A 93 -8.08 -2.85 13.96
C MET A 93 -6.79 -2.46 13.25
N ALA A 94 -5.71 -2.39 13.99
CA ALA A 94 -4.38 -2.09 13.47
C ALA A 94 -3.95 -3.19 12.51
N GLN A 95 -4.25 -4.44 12.81
CA GLN A 95 -3.87 -5.55 11.93
C GLN A 95 -4.61 -5.47 10.60
N THR A 96 -5.84 -5.02 10.61
CA THR A 96 -6.67 -4.91 9.40
C THR A 96 -6.20 -3.80 8.51
N LEU A 97 -5.90 -2.66 9.10
CA LEU A 97 -5.34 -1.55 8.35
C LEU A 97 -3.98 -1.92 7.77
N GLU A 98 -3.14 -2.58 8.56
CA GLU A 98 -1.79 -2.89 8.09
C GLU A 98 -1.83 -3.86 6.92
N LYS A 99 -2.75 -4.81 6.92
CA LYS A 99 -2.86 -5.72 5.77
C LYS A 99 -3.19 -4.94 4.50
N ILE A 100 -4.06 -3.94 4.60
CA ILE A 100 -4.34 -3.06 3.46
C ILE A 100 -3.09 -2.32 3.04
N PHE A 101 -2.36 -1.75 4.00
CA PHE A 101 -1.08 -1.09 3.75
C PHE A 101 -0.13 -1.98 2.97
N LEU A 102 0.09 -3.21 3.47
CA LEU A 102 0.97 -4.14 2.78
C LEU A 102 0.43 -4.51 1.39
N GLN A 103 -0.87 -4.80 1.30
CA GLN A 103 -1.45 -5.10 -0.01
C GLN A 103 -1.12 -3.99 -0.98
N LYS A 104 -1.48 -2.75 -0.63
CA LYS A 104 -1.22 -1.62 -1.52
C LYS A 104 0.25 -1.51 -1.87
N VAL A 105 1.16 -1.65 -0.89
CA VAL A 105 2.56 -1.39 -1.18
C VAL A 105 3.16 -2.47 -2.05
N ALA A 106 2.59 -3.68 -2.06
CA ALA A 106 2.99 -4.69 -3.04
C ALA A 106 2.89 -4.20 -4.49
N SER A 107 2.11 -3.15 -4.75
CA SER A 107 1.91 -2.63 -6.09
C SER A 107 2.34 -1.18 -6.22
N MET A 108 3.25 -0.74 -5.36
CA MET A 108 3.81 0.60 -5.47
C MET A 108 4.78 0.63 -6.65
N PRO A 109 4.75 1.69 -7.46
CA PRO A 109 5.65 1.77 -8.61
C PRO A 109 7.11 1.74 -8.17
N GLN A 110 7.94 1.11 -9.00
CA GLN A 110 9.40 1.25 -8.96
C GLN A 110 10.02 0.56 -7.76
N THR B 4 6.70 -15.93 -9.93
CA THR B 4 6.57 -14.58 -10.54
C THR B 4 7.89 -13.81 -10.37
N ASN B 5 7.88 -12.52 -10.71
CA ASN B 5 9.09 -11.67 -10.59
C ASN B 5 9.15 -11.08 -9.18
N GLN B 6 7.98 -10.76 -8.61
CA GLN B 6 7.91 -10.18 -7.24
C GLN B 6 8.29 -11.26 -6.22
N LEU B 7 7.77 -12.48 -6.39
CA LEU B 7 8.06 -13.60 -5.46
C LEU B 7 9.55 -13.95 -5.55
N GLN B 8 10.11 -13.93 -6.77
CA GLN B 8 11.55 -14.24 -6.97
C GLN B 8 12.41 -13.19 -6.26
N TYR B 9 11.98 -11.93 -6.30
CA TYR B 9 12.72 -10.81 -5.65
C TYR B 9 12.68 -11.00 -4.13
N LEU B 10 11.53 -11.41 -3.61
CA LEU B 10 11.36 -11.62 -2.14
C LEU B 10 12.28 -12.77 -1.70
N HIS B 11 12.44 -13.79 -2.54
CA HIS B 11 13.29 -14.93 -2.23
C HIS B 11 14.77 -14.56 -2.27
N LYS B 12 15.22 -13.93 -3.35
CA LYS B 12 16.66 -13.78 -3.57
C LYS B 12 17.22 -12.45 -3.09
N VAL B 13 16.43 -11.37 -3.09
CA VAL B 13 16.89 -10.09 -2.58
C VAL B 13 16.44 -9.91 -1.13
N VAL B 14 15.14 -9.96 -0.90
CA VAL B 14 14.61 -9.61 0.41
C VAL B 14 15.01 -10.68 1.44
N MET B 15 14.63 -11.93 1.19
CA MET B 15 14.86 -12.98 2.18
C MET B 15 16.34 -13.24 2.41
N LYS B 16 17.17 -13.14 1.37
CA LYS B 16 18.61 -13.38 1.56
C LYS B 16 19.21 -12.34 2.50
N ALA B 17 18.94 -11.05 2.25
CA ALA B 17 19.41 -10.00 3.13
C ALA B 17 18.95 -10.22 4.57
N LEU B 18 17.65 -10.49 4.78
CA LEU B 18 17.18 -10.69 6.14
C LEU B 18 17.76 -11.96 6.77
N TRP B 19 17.98 -13.02 5.98
CA TRP B 19 18.31 -14.32 6.56
C TRP B 19 19.70 -14.32 7.23
N LYS B 20 20.69 -13.68 6.58
CA LYS B 20 22.08 -13.69 7.05
C LYS B 20 22.37 -12.62 8.07
N HIS B 21 21.36 -11.86 8.49
CA HIS B 21 21.54 -10.75 9.42
C HIS B 21 21.89 -11.27 10.81
N GLN B 22 22.67 -10.48 11.55
CA GLN B 22 23.09 -10.89 12.88
C GLN B 22 21.93 -10.96 13.88
N PHE B 23 20.78 -10.35 13.58
CA PHE B 23 19.61 -10.51 14.44
C PHE B 23 18.63 -11.57 13.92
N ALA B 24 18.87 -12.19 12.77
CA ALA B 24 17.87 -13.08 12.19
C ALA B 24 17.75 -14.42 12.91
N TRP B 25 18.75 -14.83 13.68
CA TRP B 25 18.76 -16.20 14.17
C TRP B 25 17.52 -16.60 15.00
N PRO B 26 16.87 -15.72 15.77
CA PRO B 26 15.66 -16.19 16.46
C PRO B 26 14.46 -16.38 15.54
N PHE B 27 14.54 -15.92 14.30
CA PHE B 27 13.41 -15.95 13.39
C PHE B 27 13.58 -16.95 12.27
N ARG B 28 14.68 -17.71 12.25
CA ARG B 28 14.99 -18.59 11.12
C ARG B 28 14.20 -19.89 11.14
N GLN B 29 13.56 -20.21 12.25
CA GLN B 29 12.85 -21.46 12.44
C GLN B 29 11.71 -21.20 13.41
N PRO B 30 10.68 -22.05 13.42
CA PRO B 30 9.51 -21.77 14.26
C PRO B 30 9.89 -21.66 15.73
N VAL B 31 9.18 -20.77 16.43
CA VAL B 31 9.37 -20.66 17.87
C VAL B 31 9.09 -22.00 18.52
N ASP B 32 10.06 -22.51 19.30
CA ASP B 32 9.92 -23.75 20.06
C ASP B 32 9.55 -23.41 21.50
N ALA B 33 8.26 -23.47 21.82
CA ALA B 33 7.78 -23.01 23.13
C ALA B 33 8.17 -23.97 24.23
N VAL B 34 8.32 -25.26 23.91
CA VAL B 34 8.91 -26.20 24.86
C VAL B 34 10.36 -25.82 25.13
N LYS B 35 11.19 -25.90 24.09
CA LYS B 35 12.62 -25.70 24.26
C LYS B 35 12.95 -24.32 24.79
N LEU B 36 12.03 -23.37 24.68
CA LEU B 36 12.27 -22.00 25.14
C LEU B 36 11.57 -21.69 26.43
N GLY B 37 10.84 -22.64 27.01
CA GLY B 37 10.11 -22.38 28.24
C GLY B 37 9.14 -21.22 28.09
N LEU B 38 8.14 -21.39 27.24
CA LEU B 38 7.11 -20.38 26.98
C LEU B 38 5.79 -21.10 26.84
N PRO B 39 5.28 -21.68 27.94
CA PRO B 39 4.14 -22.59 27.81
C PRO B 39 2.86 -21.88 27.43
N ASP B 40 2.86 -20.55 27.41
CA ASP B 40 1.72 -19.75 26.98
C ASP B 40 1.88 -19.14 25.59
N TYR B 41 2.97 -19.43 24.88
CA TYR B 41 3.18 -18.83 23.56
C TYR B 41 2.00 -19.10 22.64
N HIS B 42 1.55 -20.36 22.57
CA HIS B 42 0.54 -20.73 21.60
C HIS B 42 -0.87 -20.39 22.05
N LYS B 43 -1.04 -19.92 23.28
CA LYS B 43 -2.32 -19.34 23.68
C LYS B 43 -2.47 -17.90 23.25
N ILE B 44 -1.37 -17.15 23.14
CA ILE B 44 -1.44 -15.75 22.70
C ILE B 44 -1.27 -15.64 21.18
N ILE B 45 -0.43 -16.48 20.61
CA ILE B 45 -0.01 -16.38 19.22
C ILE B 45 -0.70 -17.52 18.47
N LYS B 46 -1.81 -17.23 17.80
CA LYS B 46 -2.57 -18.30 17.16
C LYS B 46 -2.12 -18.61 15.75
N GLN B 47 -1.29 -17.76 15.14
CA GLN B 47 -0.71 -18.05 13.82
C GLN B 47 0.78 -17.82 13.89
N PRO B 48 1.54 -18.82 14.30
CA PRO B 48 3.00 -18.70 14.26
C PRO B 48 3.50 -18.60 12.83
N MET B 49 4.63 -17.93 12.67
CA MET B 49 5.25 -17.71 11.38
C MET B 49 6.72 -17.44 11.63
N ASP B 50 7.52 -17.70 10.60
CA ASP B 50 8.96 -17.60 10.76
C ASP B 50 9.59 -17.61 9.38
N MET B 51 10.84 -17.17 9.31
CA MET B 51 11.50 -17.01 8.02
C MET B 51 11.74 -18.36 7.36
N GLY B 52 12.00 -19.41 8.14
CA GLY B 52 12.17 -20.73 7.56
C GLY B 52 10.95 -21.21 6.79
N THR B 53 9.78 -21.09 7.41
CA THR B 53 8.52 -21.37 6.72
C THR B 53 8.42 -20.56 5.42
N ILE B 54 8.56 -19.23 5.51
CA ILE B 54 8.41 -18.38 4.34
C ILE B 54 9.35 -18.78 3.23
N LYS B 55 10.59 -19.13 3.58
CA LYS B 55 11.58 -19.54 2.58
C LYS B 55 11.18 -20.85 1.91
N ARG B 56 10.75 -21.84 2.73
CA ARG B 56 10.26 -23.09 2.16
C ARG B 56 9.11 -22.83 1.20
N ARG B 57 8.15 -22.00 1.62
CA ARG B 57 7.02 -21.69 0.77
C ARG B 57 7.46 -20.98 -0.51
N LEU B 58 8.44 -20.08 -0.42
CA LEU B 58 8.93 -19.46 -1.63
C LEU B 58 9.51 -20.50 -2.59
N GLU B 59 10.13 -21.54 -2.05
CA GLU B 59 10.81 -22.52 -2.88
C GLU B 59 9.85 -23.54 -3.48
N ASN B 60 8.72 -23.84 -2.82
CA ASN B 60 7.77 -24.80 -3.36
C ASN B 60 6.53 -24.13 -3.95
N ASN B 61 6.69 -22.89 -4.44
CA ASN B 61 5.62 -22.21 -5.19
C ASN B 61 4.28 -22.20 -4.42
N TYR B 62 4.35 -22.05 -3.10
CA TYR B 62 3.13 -21.98 -2.30
C TYR B 62 2.37 -20.71 -2.57
N TYR B 63 3.07 -19.61 -2.79
CA TYR B 63 2.46 -18.30 -2.81
C TYR B 63 1.89 -17.99 -4.18
N TRP B 64 0.76 -17.29 -4.18
CA TRP B 64 0.20 -16.89 -5.46
C TRP B 64 0.60 -15.47 -5.84
N ALA B 65 0.61 -14.55 -4.87
CA ALA B 65 0.97 -13.16 -5.12
C ALA B 65 2.00 -12.71 -4.09
N ALA B 66 2.69 -11.61 -4.42
CA ALA B 66 3.71 -11.08 -3.52
C ALA B 66 3.12 -10.73 -2.16
N SER B 67 1.96 -10.09 -2.15
CA SER B 67 1.32 -9.65 -0.91
C SER B 67 1.08 -10.79 0.06
N GLU B 68 0.82 -11.99 -0.45
CA GLU B 68 0.70 -13.17 0.41
C GLU B 68 1.97 -13.39 1.20
N CYS B 69 3.11 -13.36 0.52
CA CYS B 69 4.38 -13.62 1.20
C CYS B 69 4.67 -12.49 2.18
N MET B 70 4.48 -11.24 1.76
CA MET B 70 4.68 -10.12 2.67
C MET B 70 3.77 -10.20 3.88
N GLN B 71 2.53 -10.68 3.68
CA GLN B 71 1.61 -10.88 4.82
C GLN B 71 2.21 -11.81 5.85
N ASP B 72 2.87 -12.88 5.37
CA ASP B 72 3.56 -13.80 6.27
C ASP B 72 4.71 -13.13 7.01
N PHE B 73 5.49 -12.30 6.30
CA PHE B 73 6.57 -11.57 6.98
C PHE B 73 6.01 -10.73 8.12
N ASN B 74 4.92 -10.00 7.85
CA ASN B 74 4.33 -9.14 8.85
C ASN B 74 3.87 -9.93 10.06
N THR B 75 3.16 -11.03 9.82
CA THR B 75 2.70 -11.86 10.93
C THR B 75 3.84 -12.31 11.82
N MET B 76 4.99 -12.65 11.21
CA MET B 76 6.15 -13.03 12.01
C MET B 76 6.56 -11.89 12.92
N PHE B 77 6.65 -10.69 12.38
CA PHE B 77 7.07 -9.54 13.19
C PHE B 77 6.00 -9.19 14.22
N THR B 78 4.74 -9.14 13.80
CA THR B 78 3.68 -8.78 14.73
C THR B 78 3.55 -9.78 15.87
N ASN B 79 3.67 -11.08 15.59
CA ASN B 79 3.66 -12.05 16.68
C ASN B 79 4.70 -11.69 17.73
N CYS B 80 5.88 -11.25 17.29
CA CYS B 80 6.93 -10.91 18.23
C CYS B 80 6.55 -9.69 19.06
N TYR B 81 6.08 -8.61 18.42
CA TYR B 81 5.65 -7.42 19.17
C TYR B 81 4.51 -7.75 20.12
N ILE B 82 3.58 -8.60 19.70
CA ILE B 82 2.39 -8.88 20.50
C ILE B 82 2.72 -9.77 21.70
N TYR B 83 3.53 -10.81 21.49
CA TYR B 83 3.81 -11.75 22.59
C TYR B 83 4.75 -11.16 23.63
N ASN B 84 5.82 -10.48 23.19
CA ASN B 84 6.96 -10.15 24.04
C ASN B 84 6.75 -8.84 24.79
N LYS B 85 7.48 -8.67 25.90
CA LYS B 85 7.48 -7.41 26.63
C LYS B 85 8.17 -6.34 25.80
N PRO B 86 7.72 -5.10 25.88
CA PRO B 86 8.33 -4.00 25.09
C PRO B 86 9.84 -3.88 25.27
N THR B 87 10.36 -4.31 26.41
CA THR B 87 11.75 -4.10 26.77
C THR B 87 12.65 -5.24 26.32
N ASP B 88 12.08 -6.32 25.81
CA ASP B 88 12.85 -7.49 25.41
C ASP B 88 13.72 -7.14 24.21
N ASP B 89 14.95 -7.64 24.22
CA ASP B 89 15.86 -7.41 23.10
C ASP B 89 15.24 -7.86 21.78
N ILE B 90 14.48 -8.93 21.78
CA ILE B 90 13.87 -9.49 20.54
C ILE B 90 12.96 -8.51 19.84
N VAL B 91 12.34 -7.59 20.54
CA VAL B 91 11.47 -6.59 19.90
C VAL B 91 12.33 -5.70 19.01
N LEU B 92 13.48 -5.33 19.52
CA LEU B 92 14.44 -4.46 18.84
C LEU B 92 15.05 -5.18 17.65
N MET B 93 15.33 -6.46 17.78
CA MET B 93 15.82 -7.28 16.66
C MET B 93 14.71 -7.38 15.61
N ALA B 94 13.47 -7.53 16.02
CA ALA B 94 12.36 -7.55 15.07
C ALA B 94 12.27 -6.24 14.29
N GLN B 95 12.21 -5.10 15.00
CA GLN B 95 12.09 -3.80 14.35
C GLN B 95 13.22 -3.56 13.35
N THR B 96 14.44 -3.91 13.74
CA THR B 96 15.57 -3.72 12.85
C THR B 96 15.38 -4.52 11.56
N LEU B 97 15.10 -5.81 11.70
CA LEU B 97 14.84 -6.63 10.52
C LEU B 97 13.65 -6.10 9.76
N GLU B 98 12.64 -5.59 10.46
CA GLU B 98 11.45 -5.15 9.74
C GLU B 98 11.74 -3.92 8.89
N LYS B 99 12.60 -3.01 9.38
CA LYS B 99 12.94 -1.86 8.55
C LYS B 99 13.64 -2.29 7.27
N ILE B 100 14.50 -3.31 7.32
CA ILE B 100 15.16 -3.80 6.11
C ILE B 100 14.13 -4.32 5.12
N PHE B 101 13.24 -5.21 5.59
CA PHE B 101 12.10 -5.70 4.82
C PHE B 101 11.36 -4.57 4.09
N LEU B 102 10.91 -3.56 4.83
CA LEU B 102 10.18 -2.46 4.20
C LEU B 102 11.05 -1.74 3.17
N GLN B 103 12.30 -1.46 3.50
CA GLN B 103 13.19 -0.84 2.52
C GLN B 103 13.29 -1.70 1.28
N LYS B 104 13.62 -2.99 1.45
CA LYS B 104 13.73 -3.88 0.30
C LYS B 104 12.42 -4.00 -0.45
N VAL B 105 11.28 -3.98 0.26
CA VAL B 105 10.01 -4.11 -0.44
C VAL B 105 9.73 -2.87 -1.29
N ALA B 106 10.21 -1.70 -0.88
CA ALA B 106 9.95 -0.51 -1.66
C ALA B 106 10.59 -0.56 -3.03
N SER B 107 11.60 -1.40 -3.22
CA SER B 107 12.29 -1.54 -4.49
C SER B 107 11.92 -2.83 -5.19
N MET B 108 10.79 -3.39 -4.85
CA MET B 108 10.29 -4.54 -5.57
C MET B 108 9.81 -4.09 -6.94
N PRO B 109 10.18 -4.78 -8.02
CA PRO B 109 9.65 -4.45 -9.35
C PRO B 109 8.16 -4.70 -9.40
N GLN B 110 7.42 -3.74 -9.95
CA GLN B 110 5.96 -3.84 -10.01
C GLN B 110 5.54 -4.59 -11.28
N THR C 4 -27.05 4.02 -26.14
CA THR C 4 -27.85 3.99 -24.91
C THR C 4 -27.68 2.65 -24.19
N ASN C 5 -27.85 1.54 -24.92
CA ASN C 5 -27.25 0.28 -24.48
C ASN C 5 -25.74 0.29 -24.69
N GLN C 6 -25.23 1.20 -25.53
CA GLN C 6 -23.78 1.38 -25.65
C GLN C 6 -23.22 2.11 -24.44
N LEU C 7 -23.91 3.15 -23.98
CA LEU C 7 -23.41 3.94 -22.85
C LEU C 7 -23.42 3.10 -21.57
N GLN C 8 -24.44 2.25 -21.40
CA GLN C 8 -24.47 1.39 -20.23
C GLN C 8 -23.37 0.34 -20.29
N TYR C 9 -23.05 -0.13 -21.50
CA TYR C 9 -21.91 -1.03 -21.67
C TYR C 9 -20.62 -0.33 -21.28
N LEU C 10 -20.38 0.86 -21.85
CA LEU C 10 -19.24 1.68 -21.46
C LEU C 10 -19.22 1.99 -19.96
N HIS C 11 -20.39 2.07 -19.33
CA HIS C 11 -20.45 2.28 -17.88
C HIS C 11 -20.22 0.98 -17.12
N LYS C 12 -21.04 -0.04 -17.39
CA LYS C 12 -21.05 -1.26 -16.60
C LYS C 12 -19.90 -2.21 -16.92
N VAL C 13 -19.30 -2.13 -18.10
CA VAL C 13 -18.21 -3.02 -18.48
C VAL C 13 -16.89 -2.29 -18.59
N VAL C 14 -16.85 -1.20 -19.34
CA VAL C 14 -15.57 -0.55 -19.64
C VAL C 14 -15.06 0.24 -18.45
N MET C 15 -15.84 1.24 -18.01
CA MET C 15 -15.45 2.01 -16.84
C MET C 15 -15.20 1.12 -15.62
N LYS C 16 -16.11 0.18 -15.38
CA LYS C 16 -15.93 -0.72 -14.25
C LYS C 16 -14.58 -1.44 -14.33
N ALA C 17 -14.25 -2.00 -15.50
CA ALA C 17 -12.98 -2.70 -15.62
C ALA C 17 -11.79 -1.75 -15.50
N LEU C 18 -11.90 -0.56 -16.07
CA LEU C 18 -10.74 0.31 -16.08
C LEU C 18 -10.56 1.05 -14.75
N TRP C 19 -11.65 1.32 -14.03
CA TRP C 19 -11.58 2.04 -12.76
C TRP C 19 -10.92 1.19 -11.68
N LYS C 20 -11.22 -0.11 -11.64
CA LYS C 20 -10.66 -1.00 -10.62
C LYS C 20 -9.20 -1.32 -10.88
N HIS C 21 -8.72 -1.13 -12.11
CA HIS C 21 -7.40 -1.58 -12.50
C HIS C 21 -6.35 -0.94 -11.61
N GLN C 22 -5.28 -1.69 -11.35
CA GLN C 22 -4.24 -1.17 -10.47
C GLN C 22 -3.47 -0.01 -11.09
N PHE C 23 -3.59 0.21 -12.39
CA PHE C 23 -2.92 1.31 -13.06
C PHE C 23 -3.78 2.57 -13.18
N ALA C 24 -4.98 2.57 -12.60
CA ALA C 24 -5.91 3.69 -12.78
C ALA C 24 -5.58 4.89 -11.88
N TRP C 25 -4.85 4.70 -10.79
CA TRP C 25 -4.74 5.74 -9.79
C TRP C 25 -4.22 7.08 -10.30
N PRO C 26 -3.30 7.15 -11.29
CA PRO C 26 -2.97 8.47 -11.84
C PRO C 26 -4.14 9.13 -12.53
N PHE C 27 -5.18 8.37 -12.84
CA PHE C 27 -6.25 8.87 -13.70
C PHE C 27 -7.59 9.00 -13.01
N ARG C 28 -7.69 8.62 -11.72
CA ARG C 28 -9.01 8.60 -11.10
C ARG C 28 -9.56 10.00 -10.86
N GLN C 29 -8.75 11.03 -11.03
CA GLN C 29 -9.14 12.39 -10.70
C GLN C 29 -8.26 13.34 -11.51
N PRO C 30 -8.70 14.57 -11.72
CA PRO C 30 -7.98 15.46 -12.65
C PRO C 30 -6.55 15.72 -12.19
N VAL C 31 -5.70 16.00 -13.18
CA VAL C 31 -4.33 16.40 -12.92
C VAL C 31 -4.35 17.67 -12.09
N ASP C 32 -3.83 17.59 -10.85
CA ASP C 32 -3.58 18.81 -10.09
C ASP C 32 -2.20 19.33 -10.46
N ALA C 33 -2.15 20.30 -11.38
CA ALA C 33 -0.88 20.85 -11.85
C ALA C 33 -0.16 21.66 -10.79
N VAL C 34 -0.89 22.14 -9.78
CA VAL C 34 -0.26 22.82 -8.66
C VAL C 34 0.33 21.82 -7.69
N LYS C 35 -0.51 20.90 -7.19
CA LYS C 35 -0.08 19.93 -6.18
C LYS C 35 1.12 19.10 -6.67
N LEU C 36 1.06 18.59 -7.89
CA LEU C 36 2.19 17.82 -8.41
C LEU C 36 3.32 18.72 -8.92
N GLY C 37 3.23 20.04 -8.71
CA GLY C 37 4.23 20.97 -9.19
C GLY C 37 4.56 20.85 -10.66
N LEU C 38 3.56 20.98 -11.53
CA LEU C 38 3.75 20.93 -12.98
C LEU C 38 3.14 22.21 -13.57
N PRO C 39 3.83 23.34 -13.44
CA PRO C 39 3.23 24.62 -13.85
C PRO C 39 3.12 24.82 -15.37
N ASP C 40 3.68 23.94 -16.20
CA ASP C 40 3.49 24.06 -17.65
C ASP C 40 2.35 23.19 -18.15
N TYR C 41 1.70 22.44 -17.26
CA TYR C 41 0.74 21.41 -17.68
C TYR C 41 -0.41 22.00 -18.49
N HIS C 42 -0.96 23.14 -18.07
CA HIS C 42 -2.11 23.66 -18.81
C HIS C 42 -1.71 24.55 -19.97
N LYS C 43 -0.42 24.83 -20.15
CA LYS C 43 0.03 25.45 -21.40
C LYS C 43 0.21 24.41 -22.50
N ILE C 44 0.54 23.17 -22.15
CA ILE C 44 0.70 22.12 -23.14
C ILE C 44 -0.60 21.36 -23.38
N ILE C 45 -1.36 21.06 -22.34
CA ILE C 45 -2.57 20.27 -22.44
C ILE C 45 -3.78 21.17 -22.33
N LYS C 46 -4.47 21.40 -23.44
CA LYS C 46 -5.58 22.35 -23.47
C LYS C 46 -6.92 21.74 -23.10
N GLN C 47 -7.00 20.41 -22.94
CA GLN C 47 -8.27 19.73 -22.69
C GLN C 47 -8.06 18.61 -21.67
N PRO C 48 -7.87 18.97 -20.41
CA PRO C 48 -7.73 17.94 -19.37
C PRO C 48 -8.92 17.01 -19.34
N MET C 49 -8.65 15.76 -18.97
CA MET C 49 -9.67 14.74 -18.88
C MET C 49 -9.16 13.66 -17.94
N ASP C 50 -10.07 13.11 -17.14
CA ASP C 50 -9.71 12.08 -16.18
C ASP C 50 -10.87 11.10 -16.09
N MET C 51 -10.63 9.95 -15.46
CA MET C 51 -11.68 8.95 -15.35
C MET C 51 -12.74 9.35 -14.34
N GLY C 52 -12.40 10.17 -13.34
CA GLY C 52 -13.41 10.62 -12.42
C GLY C 52 -14.46 11.43 -13.14
N THR C 53 -14.04 12.25 -14.10
CA THR C 53 -14.99 13.03 -14.87
C THR C 53 -15.83 12.15 -15.78
N ILE C 54 -15.19 11.21 -16.49
CA ILE C 54 -15.94 10.31 -17.37
C ILE C 54 -16.93 9.48 -16.57
N LYS C 55 -16.50 9.03 -15.39
CA LYS C 55 -17.38 8.27 -14.51
C LYS C 55 -18.59 9.09 -14.09
N ARG C 56 -18.39 10.34 -13.71
CA ARG C 56 -19.54 11.15 -13.30
C ARG C 56 -20.49 11.38 -14.47
N ARG C 57 -19.94 11.71 -15.65
CA ARG C 57 -20.77 11.91 -16.83
C ARG C 57 -21.46 10.62 -17.26
N LEU C 58 -20.90 9.46 -16.94
CA LEU C 58 -21.58 8.23 -17.27
C LEU C 58 -22.73 8.00 -16.33
N GLU C 59 -22.54 8.34 -15.05
CA GLU C 59 -23.61 8.17 -14.07
C GLU C 59 -24.73 9.19 -14.25
N ASN C 60 -24.41 10.41 -14.68
CA ASN C 60 -25.42 11.47 -14.83
C ASN C 60 -26.02 11.56 -16.21
N ASN C 61 -25.82 10.55 -17.06
CA ASN C 61 -26.42 10.52 -18.41
C ASN C 61 -25.98 11.74 -19.24
N TYR C 62 -24.81 12.25 -18.99
CA TYR C 62 -24.27 13.40 -19.73
C TYR C 62 -24.10 13.12 -21.23
N TYR C 63 -23.50 11.99 -21.59
CA TYR C 63 -23.17 11.66 -22.98
C TYR C 63 -24.40 11.41 -23.83
N TRP C 64 -24.38 11.86 -25.07
CA TRP C 64 -25.48 11.69 -26.06
C TRP C 64 -25.21 10.46 -26.90
N ALA C 65 -23.94 10.28 -27.17
CA ALA C 65 -23.48 9.18 -28.03
C ALA C 65 -22.35 8.45 -27.32
N ALA C 66 -22.24 7.17 -27.58
CA ALA C 66 -21.07 6.43 -27.10
C ALA C 66 -19.80 7.13 -27.53
N SER C 67 -19.83 7.76 -28.70
CA SER C 67 -18.58 8.24 -29.28
C SER C 67 -17.98 9.34 -28.44
N GLU C 68 -18.81 10.14 -27.75
CA GLU C 68 -18.27 11.22 -26.93
C GLU C 68 -17.52 10.69 -25.72
N CYS C 69 -18.02 9.61 -25.12
CA CYS C 69 -17.33 8.97 -24.01
C CYS C 69 -15.97 8.43 -24.45
N MET C 70 -15.96 7.69 -25.55
CA MET C 70 -14.70 7.17 -26.10
C MET C 70 -13.71 8.30 -26.37
N GLN C 71 -14.20 9.41 -26.93
N GLN C 71 -14.19 9.43 -26.91
CA GLN C 71 -13.34 10.59 -27.13
CA GLN C 71 -13.29 10.55 -27.13
C GLN C 71 -12.73 11.04 -25.82
C GLN C 71 -12.74 11.08 -25.83
N ASP C 72 -13.50 10.98 -24.74
CA ASP C 72 -12.97 11.46 -23.47
C ASP C 72 -11.88 10.53 -22.97
N PHE C 73 -12.06 9.21 -23.13
CA PHE C 73 -10.99 8.28 -22.76
C PHE C 73 -9.73 8.57 -23.55
N ASN C 74 -9.87 8.63 -24.88
CA ASN C 74 -8.70 8.86 -25.72
C ASN C 74 -7.99 10.16 -25.38
N THR C 75 -8.75 11.24 -25.11
CA THR C 75 -8.13 12.50 -24.76
C THR C 75 -7.34 12.36 -23.46
N MET C 76 -7.92 11.69 -22.47
CA MET C 76 -7.19 11.37 -21.24
C MET C 76 -5.88 10.66 -21.54
N PHE C 77 -5.91 9.65 -22.40
CA PHE C 77 -4.68 8.92 -22.73
C PHE C 77 -3.73 9.79 -23.55
N THR C 78 -4.25 10.54 -24.51
CA THR C 78 -3.36 11.35 -25.35
C THR C 78 -2.67 12.43 -24.54
N ASN C 79 -3.40 13.12 -23.65
CA ASN C 79 -2.73 14.10 -22.79
C ASN C 79 -1.51 13.52 -22.12
N CYS C 80 -1.63 12.28 -21.65
CA CYS C 80 -0.52 11.62 -20.97
C CYS C 80 0.67 11.43 -21.92
N TYR C 81 0.42 10.89 -23.11
CA TYR C 81 1.49 10.65 -24.07
C TYR C 81 2.16 11.94 -24.51
N ILE C 82 1.36 12.99 -24.68
CA ILE C 82 1.90 14.24 -25.19
C ILE C 82 2.68 14.96 -24.11
N TYR C 83 2.20 14.87 -22.87
CA TYR C 83 2.81 15.68 -21.83
C TYR C 83 4.02 15.01 -21.20
N ASN C 84 3.96 13.69 -21.01
CA ASN C 84 4.96 13.07 -20.19
C ASN C 84 6.16 12.59 -21.02
N LYS C 85 7.32 12.53 -20.35
CA LYS C 85 8.50 11.94 -20.98
C LYS C 85 8.20 10.52 -21.44
N PRO C 86 8.79 10.09 -22.56
CA PRO C 86 8.52 8.73 -23.03
C PRO C 86 8.90 7.65 -22.03
N THR C 87 9.86 7.93 -21.14
CA THR C 87 10.37 6.96 -20.17
C THR C 87 9.52 6.82 -18.91
N ASP C 88 8.58 7.73 -18.66
CA ASP C 88 7.82 7.72 -17.43
C ASP C 88 6.95 6.46 -17.30
N ASP C 89 6.77 6.03 -16.06
CA ASP C 89 5.94 4.84 -15.79
C ASP C 89 4.50 5.08 -16.15
N ILE C 90 4.04 6.33 -16.04
CA ILE C 90 2.63 6.62 -16.29
C ILE C 90 2.28 6.34 -17.75
N VAL C 91 3.19 6.70 -18.65
CA VAL C 91 3.01 6.42 -20.07
C VAL C 91 2.66 4.96 -20.28
N LEU C 92 3.39 4.06 -19.62
CA LEU C 92 3.13 2.64 -19.77
C LEU C 92 1.82 2.23 -19.11
N MET C 93 1.54 2.79 -17.93
CA MET C 93 0.25 2.53 -17.32
C MET C 93 -0.90 2.99 -18.22
N ALA C 94 -0.75 4.15 -18.87
CA ALA C 94 -1.75 4.56 -19.84
C ALA C 94 -1.84 3.57 -20.99
N GLN C 95 -0.68 3.19 -21.56
CA GLN C 95 -0.71 2.24 -22.67
C GLN C 95 -1.41 0.96 -22.27
N THR C 96 -1.15 0.48 -21.05
CA THR C 96 -1.80 -0.75 -20.61
C THR C 96 -3.30 -0.56 -20.47
N LEU C 97 -3.73 0.59 -19.95
CA LEU C 97 -5.17 0.86 -19.83
C LEU C 97 -5.79 1.10 -21.20
N GLU C 98 -5.06 1.75 -22.11
CA GLU C 98 -5.65 2.01 -23.42
C GLU C 98 -5.95 0.72 -24.15
N LYS C 99 -5.04 -0.26 -24.07
CA LYS C 99 -5.27 -1.52 -24.76
C LYS C 99 -6.50 -2.23 -24.21
N ILE C 100 -6.67 -2.22 -22.90
CA ILE C 100 -7.90 -2.78 -22.32
C ILE C 100 -9.12 -2.01 -22.81
N PHE C 101 -9.04 -0.67 -22.80
CA PHE C 101 -10.12 0.15 -23.32
C PHE C 101 -10.50 -0.28 -24.74
N LEU C 102 -9.49 -0.48 -25.60
CA LEU C 102 -9.76 -0.78 -26.99
C LEU C 102 -10.29 -2.19 -27.20
N GLN C 103 -9.80 -3.18 -26.43
CA GLN C 103 -10.41 -4.51 -26.52
C GLN C 103 -11.87 -4.46 -26.07
N LYS C 104 -12.14 -3.76 -24.97
CA LYS C 104 -13.51 -3.74 -24.49
C LYS C 104 -14.41 -2.97 -25.43
N VAL C 105 -13.87 -1.98 -26.15
CA VAL C 105 -14.70 -1.25 -27.11
C VAL C 105 -15.06 -2.13 -28.31
N ALA C 106 -14.15 -3.02 -28.70
CA ALA C 106 -14.37 -3.89 -29.86
C ALA C 106 -15.66 -4.71 -29.71
N SER C 107 -15.96 -5.15 -28.48
CA SER C 107 -17.12 -5.98 -28.20
C SER C 107 -18.36 -5.18 -27.82
N MET C 108 -18.42 -3.92 -28.16
CA MET C 108 -19.52 -3.07 -27.73
C MET C 108 -20.68 -3.19 -28.71
N PRO C 109 -21.91 -3.33 -28.23
CA PRO C 109 -23.05 -3.50 -29.15
C PRO C 109 -23.25 -2.27 -30.03
N GLN C 110 -24.11 -2.40 -31.04
CA GLN C 110 -24.36 -1.29 -31.96
C GLN C 110 -25.75 -0.67 -31.77
C1 BUX D . -8.87 6.30 20.81
C2 BUX D . -8.02 7.08 20.03
C3 BUX D . -8.46 8.30 19.53
C4 BUX D . -9.74 8.72 19.82
C5 BUX D . -10.59 7.98 20.62
C6 BUX D . -5.95 5.62 20.13
C7 BUX D . -3.99 4.39 20.09
C8 BUX D . -4.44 3.66 21.24
C9 BUX D . -5.73 3.88 21.67
C10 BUX D . -6.25 3.29 22.82
C11 BUX D . -5.40 2.51 23.52
C12 BUX D . -3.56 2.79 22.00
CL1 BUX D . -5.87 1.82 25.00
O2 BUX D . -4.10 2.23 23.16
O3 BUX D . -2.42 2.51 21.72
O BUX D . -2.96 4.04 19.50
N1 BUX D . -4.75 5.45 19.63
O1 BUX D . -6.55 4.76 21.01
N BUX D . -6.70 6.67 19.70
CL BUX D . -10.34 10.18 19.08
C BUX D . -10.14 6.76 21.11
S SO4 E . 24.20 -16.60 13.06
O1 SO4 E . 23.81 -16.70 14.47
O2 SO4 E . 23.53 -15.47 12.38
O3 SO4 E . 25.64 -16.40 12.92
O4 SO4 E . 23.80 -17.87 12.44
#